data_3JZC
#
_entry.id   3JZC
#
_cell.length_a   68.781
_cell.length_b   68.781
_cell.length_c   131.013
_cell.angle_alpha   90.00
_cell.angle_beta   90.00
_cell.angle_gamma   120.00
#
_symmetry.space_group_name_H-M   'P 31 2 1'
#
loop_
_entity.id
_entity.type
_entity.pdbx_description
1 polymer 'Thyroid hormone receptor beta'
2 non-polymer '[4-(4-HYDROXY-3-IODO-PHENOXY)-3,5-DIIODO-PHENYL]-ACETIC ACID'
3 water water
#
_entity_poly.entity_id   1
_entity_poly.type   'polypeptide(L)'
_entity_poly.pdbx_seq_one_letter_code
;GSMEELQKSIGHKPEPTDEEWELIKTVTEAHVATNAQGSHWKQKRKFLPEDIGQAPIVNAPEGGKVDLEAFSHFTKIITP
AITRVVDFAKKLPMF(CAS)ELP(CAS)EDQIILLKGCCMEIMSLRAAVRYDPESETLTLNGEMAVTRGQLKNGGLGVVS
DAIFDLGMSLSSFNLDDTEVALLQAVLLMSSDRPGLA(CAS)VERIEKYQDSFLLAFEHYINYRKHHVTHFWPKLLMKVT
DLRMIGA(CAS)HASRFLHMKVECPTELFPPLFLEVFED
;
_entity_poly.pdbx_strand_id   A
#
loop_
_chem_comp.id
_chem_comp.type
_chem_comp.name
_chem_comp.formula
4HY non-polymer '[4-(4-HYDROXY-3-IODO-PHENOXY)-3,5-DIIODO-PHENYL]-ACETIC ACID' 'C14 H9 I3 O4'
#
# COMPACT_ATOMS: atom_id res chain seq x y z
N GLU A 4 26.26 -11.84 -9.11
CA GLU A 4 25.53 -10.64 -8.67
C GLU A 4 26.28 -9.84 -7.63
N GLU A 5 26.86 -10.53 -6.66
CA GLU A 5 27.64 -9.87 -5.62
C GLU A 5 28.94 -9.32 -6.17
N LEU A 6 29.49 -9.98 -7.19
CA LEU A 6 30.69 -9.49 -7.87
C LEU A 6 30.53 -8.09 -8.47
N GLN A 7 29.42 -7.86 -9.15
CA GLN A 7 29.19 -6.58 -9.79
C GLN A 7 29.02 -5.53 -8.74
N LYS A 8 28.30 -5.87 -7.68
CA LYS A 8 28.26 -5.01 -6.51
C LYS A 8 29.69 -4.68 -6.13
N SER A 9 30.52 -5.72 -5.96
CA SER A 9 31.91 -5.51 -5.61
C SER A 9 32.59 -4.50 -6.53
N ILE A 10 32.55 -4.77 -7.83
CA ILE A 10 33.24 -3.92 -8.79
C ILE A 10 32.61 -2.53 -8.79
N GLY A 11 31.43 -2.43 -8.19
CA GLY A 11 30.75 -1.16 -8.06
C GLY A 11 29.79 -0.84 -9.18
N HIS A 12 29.48 -1.84 -9.98
CA HIS A 12 28.49 -1.68 -11.03
C HIS A 12 27.12 -1.96 -10.43
N LYS A 13 26.13 -1.16 -10.82
CA LYS A 13 24.79 -1.26 -10.27
C LYS A 13 23.86 -1.90 -11.28
N PRO A 14 23.59 -3.21 -11.13
CA PRO A 14 22.89 -4.00 -12.16
C PRO A 14 21.45 -3.54 -12.44
N GLU A 15 21.11 -3.51 -13.72
CA GLU A 15 19.77 -3.16 -14.14
C GLU A 15 19.01 -4.45 -14.43
N PRO A 16 17.69 -4.36 -14.59
CA PRO A 16 16.88 -5.57 -14.69
C PRO A 16 17.26 -6.50 -15.86
N THR A 17 17.30 -7.80 -15.60
CA THR A 17 17.43 -8.79 -16.66
C THR A 17 16.12 -8.83 -17.45
N ASP A 18 16.16 -9.43 -18.63
CA ASP A 18 14.98 -9.48 -19.48
C ASP A 18 13.82 -10.21 -18.81
N GLU A 19 14.14 -11.24 -18.04
CA GLU A 19 13.11 -11.95 -17.30
C GLU A 19 12.56 -11.00 -16.23
N GLU A 20 13.46 -10.24 -15.60
CA GLU A 20 13.05 -9.23 -14.62
C GLU A 20 12.24 -8.12 -15.25
N TRP A 21 12.54 -7.75 -16.49
CA TRP A 21 11.71 -6.76 -17.15
C TRP A 21 10.28 -7.30 -17.35
N GLU A 22 10.16 -8.59 -17.67
CA GLU A 22 8.84 -9.19 -17.87
C GLU A 22 8.03 -9.09 -16.58
N LEU A 23 8.63 -9.51 -15.47
CA LEU A 23 8.01 -9.44 -14.17
C LEU A 23 7.67 -8.00 -13.76
N ILE A 24 8.51 -7.06 -14.14
CA ILE A 24 8.27 -5.66 -13.82
C ILE A 24 7.05 -5.15 -14.59
N LYS A 25 6.94 -5.55 -15.84
CA LYS A 25 5.81 -5.15 -16.67
C LYS A 25 4.50 -5.70 -16.09
N THR A 26 4.55 -6.94 -15.62
CA THR A 26 3.37 -7.60 -15.08
C THR A 26 2.87 -6.95 -13.80
N VAL A 27 3.77 -6.73 -12.85
CA VAL A 27 3.41 -6.09 -11.58
C VAL A 27 2.96 -4.66 -11.83
N THR A 28 3.66 -3.97 -12.71
CA THR A 28 3.31 -2.60 -13.00
C THR A 28 1.91 -2.57 -13.58
N GLU A 29 1.67 -3.38 -14.61
CA GLU A 29 0.35 -3.40 -15.23
C GLU A 29 -0.75 -3.77 -14.25
N ALA A 30 -0.46 -4.69 -13.34
CA ALA A 30 -1.40 -5.08 -12.29
C ALA A 30 -1.82 -3.90 -11.39
N HIS A 31 -0.83 -3.12 -10.96
CA HIS A 31 -1.08 -1.94 -10.12
C HIS A 31 -1.86 -0.90 -10.90
N VAL A 32 -1.36 -0.58 -12.09
CA VAL A 32 -1.99 0.42 -12.94
C VAL A 32 -3.48 0.10 -13.27
N ALA A 33 -3.82 -1.19 -13.31
CA ALA A 33 -5.17 -1.58 -13.69
C ALA A 33 -6.14 -1.52 -12.51
N THR A 34 -5.59 -1.31 -11.31
CA THR A 34 -6.37 -1.38 -10.08
C THR A 34 -6.08 -0.17 -9.20
N ASN A 35 -5.37 0.78 -9.72
CA ASN A 35 -5.14 1.96 -8.98
C ASN A 35 -5.89 3.10 -9.61
N ALA A 36 -6.70 3.77 -8.81
CA ALA A 36 -7.97 4.28 -9.26
C ALA A 36 -7.76 5.64 -9.91
N GLN A 37 -6.51 5.99 -10.15
CA GLN A 37 -6.22 7.22 -10.87
C GLN A 37 -6.86 7.09 -12.24
N GLY A 38 -7.05 8.22 -12.90
CA GLY A 38 -5.94 9.08 -13.26
C GLY A 38 -4.65 8.33 -13.49
N SER A 39 -3.87 8.77 -14.47
CA SER A 39 -2.89 9.83 -14.25
C SER A 39 -3.58 11.15 -13.92
N HIS A 40 -4.77 11.07 -13.35
CA HIS A 40 -5.78 12.12 -13.52
C HIS A 40 -6.56 12.35 -12.24
N TRP A 41 -6.24 11.57 -11.20
CA TRP A 41 -6.46 11.99 -9.82
C TRP A 41 -5.94 13.41 -9.59
N LYS A 42 -6.69 14.18 -8.82
CA LYS A 42 -6.35 15.59 -8.58
C LYS A 42 -6.85 16.73 -9.45
N GLN A 43 -7.60 16.40 -10.50
CA GLN A 43 -8.45 17.37 -11.17
C GLN A 43 -9.74 16.62 -10.84
N LYS A 44 -9.59 15.47 -10.19
CA LYS A 44 -10.71 14.55 -10.03
C LYS A 44 -11.24 14.43 -8.60
N ARG A 45 -10.50 14.95 -7.64
CA ARG A 45 -10.83 14.73 -6.24
C ARG A 45 -11.73 15.82 -5.68
N LYS A 46 -12.75 15.41 -4.93
CA LYS A 46 -13.61 16.34 -4.22
C LYS A 46 -13.22 16.38 -2.74
N PHE A 47 -12.96 17.59 -2.23
CA PHE A 47 -12.48 17.80 -0.87
C PHE A 47 -13.59 17.63 0.17
N LEU A 48 -13.50 16.57 0.98
CA LEU A 48 -14.42 16.35 2.09
C LEU A 48 -14.57 17.62 2.93
N PRO A 49 -15.78 18.18 2.98
CA PRO A 49 -16.15 19.42 3.67
C PRO A 49 -15.49 19.63 5.04
N GLU A 50 -14.97 20.83 5.28
CA GLU A 50 -14.20 21.16 6.48
C GLU A 50 -14.88 20.81 7.81
N ASP A 51 -16.19 20.68 7.80
CA ASP A 51 -16.95 20.47 9.03
C ASP A 51 -17.14 18.98 9.39
N ILE A 52 -17.00 18.12 8.39
CA ILE A 52 -17.14 16.68 8.59
C ILE A 52 -15.84 16.08 9.12
N GLY A 53 -15.89 15.54 10.34
CA GLY A 53 -14.70 15.06 10.99
C GLY A 53 -13.96 16.19 11.68
N GLN A 54 -14.70 17.23 12.06
CA GLN A 54 -14.16 18.44 12.69
C GLN A 54 -13.46 18.17 14.04
N VAL A 66 -14.61 8.89 18.10
CA VAL A 66 -14.87 8.67 16.68
C VAL A 66 -16.08 9.46 16.18
N ASP A 67 -15.83 10.43 15.31
CA ASP A 67 -16.88 11.18 14.63
C ASP A 67 -17.47 10.23 13.61
N LEU A 68 -18.70 9.79 13.84
CA LEU A 68 -19.33 8.75 13.02
C LEU A 68 -19.65 9.22 11.62
N GLU A 69 -19.75 10.52 11.43
CA GLU A 69 -20.14 11.06 10.13
C GLU A 69 -18.97 10.90 9.19
N ALA A 70 -17.78 11.24 9.69
CA ALA A 70 -16.53 11.03 8.96
C ALA A 70 -16.31 9.55 8.72
N PHE A 71 -16.54 8.75 9.75
CA PHE A 71 -16.39 7.30 9.66
C PHE A 71 -17.22 6.73 8.52
N SER A 72 -18.44 7.25 8.39
CA SER A 72 -19.38 6.82 7.36
C SER A 72 -18.90 7.09 5.95
N HIS A 73 -18.15 8.18 5.77
CA HIS A 73 -17.63 8.49 4.46
C HIS A 73 -16.50 7.53 4.08
N PHE A 74 -15.64 7.21 5.04
CA PHE A 74 -14.56 6.29 4.76
C PHE A 74 -15.07 4.88 4.49
N THR A 75 -16.01 4.42 5.31
CA THR A 75 -16.48 3.05 5.16
C THR A 75 -17.37 2.90 3.93
N LYS A 76 -17.80 4.02 3.39
CA LYS A 76 -18.62 4.02 2.19
C LYS A 76 -17.78 3.62 0.98
N ILE A 77 -16.50 3.94 1.01
CA ILE A 77 -15.67 3.71 -0.16
C ILE A 77 -14.62 2.66 0.12
N ILE A 78 -14.66 2.11 1.32
CA ILE A 78 -13.64 1.14 1.69
C ILE A 78 -13.81 -0.20 0.98
N THR A 79 -15.03 -0.63 0.76
CA THR A 79 -15.25 -1.86 0.02
C THR A 79 -14.54 -1.81 -1.37
N PRO A 80 -14.75 -0.73 -2.13
CA PRO A 80 -14.04 -0.67 -3.42
C PRO A 80 -12.51 -0.65 -3.25
N ALA A 81 -12.02 0.11 -2.29
CA ALA A 81 -10.58 0.18 -2.03
C ALA A 81 -9.98 -1.19 -1.74
N ILE A 82 -10.64 -1.93 -0.85
CA ILE A 82 -10.19 -3.29 -0.53
C ILE A 82 -10.23 -4.17 -1.78
N THR A 83 -11.34 -4.17 -2.52
CA THR A 83 -11.41 -5.09 -3.63
C THR A 83 -10.35 -4.76 -4.68
N ARG A 84 -9.97 -3.50 -4.78
CA ARG A 84 -8.93 -3.10 -5.71
C ARG A 84 -7.59 -3.75 -5.35
N VAL A 85 -7.36 -3.95 -4.05
CA VAL A 85 -6.16 -4.63 -3.59
C VAL A 85 -6.19 -6.11 -3.92
N VAL A 86 -7.35 -6.73 -3.80
CA VAL A 86 -7.50 -8.13 -4.19
C VAL A 86 -7.33 -8.33 -5.70
N ASP A 87 -7.94 -7.46 -6.50
CA ASP A 87 -7.76 -7.48 -7.95
C ASP A 87 -6.29 -7.37 -8.38
N PHE A 88 -5.50 -6.61 -7.61
CA PHE A 88 -4.07 -6.45 -7.88
C PHE A 88 -3.36 -7.77 -7.72
N ALA A 89 -3.51 -8.37 -6.54
CA ALA A 89 -2.95 -9.67 -6.26
C ALA A 89 -3.38 -10.74 -7.28
N LYS A 90 -4.65 -10.74 -7.66
CA LYS A 90 -5.18 -11.67 -8.65
C LYS A 90 -4.42 -11.62 -9.98
N LYS A 91 -3.94 -10.44 -10.34
CA LYS A 91 -3.18 -10.26 -11.57
C LYS A 91 -1.69 -10.62 -11.46
N LEU A 92 -1.26 -11.11 -10.30
CA LEU A 92 0.10 -11.65 -10.17
C LEU A 92 0.08 -13.17 -10.15
N PRO A 93 0.62 -13.78 -11.21
CA PRO A 93 0.60 -15.23 -11.40
C PRO A 93 1.19 -15.98 -10.22
N MET A 94 2.29 -15.44 -9.67
CA MET A 94 2.89 -16.05 -8.49
C MET A 94 1.87 -16.15 -7.38
N PHE A 95 1.04 -15.12 -7.23
CA PHE A 95 0.02 -15.16 -6.20
C PHE A 95 -0.96 -16.29 -6.46
N CAS A 96 -1.21 -16.56 -7.74
CA CAS A 96 -2.13 -17.62 -8.13
CB CAS A 96 -2.43 -17.34 -9.61
C CAS A 96 -1.60 -19.03 -7.85
O CAS A 96 -2.37 -19.93 -7.72
SG CAS A 96 -3.49 -15.87 -9.77
AS CAS A 96 -5.56 -16.59 -9.26
CE1 CAS A 96 -6.72 -15.80 -10.63
CE2 CAS A 96 -6.16 -15.83 -7.53
N GLU A 97 -0.28 -19.19 -7.77
CA GLU A 97 0.31 -20.50 -7.52
C GLU A 97 0.09 -20.93 -6.08
N LEU A 98 -0.35 -20.00 -5.24
CA LEU A 98 -0.50 -20.28 -3.82
C LEU A 98 -1.88 -20.85 -3.50
N PRO A 99 -1.99 -21.63 -2.42
CA PRO A 99 -3.27 -22.23 -2.01
C PRO A 99 -4.22 -21.18 -1.45
N CAS A 100 -5.52 -21.46 -1.53
CA CAS A 100 -6.58 -20.56 -1.06
CB CAS A 100 -7.80 -21.51 -1.19
C CAS A 100 -6.34 -20.01 0.37
O CAS A 100 -6.54 -18.88 0.64
SG CAS A 100 -9.32 -20.92 -0.38
AS CAS A 100 -9.57 -21.88 1.63
CE1 CAS A 100 -9.85 -20.53 3.02
CE2 CAS A 100 -11.06 -23.16 1.56
N GLU A 101 -5.91 -20.90 1.27
CA GLU A 101 -5.68 -20.50 2.65
C GLU A 101 -4.61 -19.42 2.71
N ASP A 102 -3.48 -19.67 2.04
CA ASP A 102 -2.39 -18.71 1.97
C ASP A 102 -2.80 -17.39 1.31
N GLN A 103 -3.40 -17.49 0.13
CA GLN A 103 -3.87 -16.31 -0.57
C GLN A 103 -4.66 -15.42 0.37
N ILE A 104 -5.60 -15.99 1.09
CA ILE A 104 -6.39 -15.24 2.05
C ILE A 104 -5.55 -14.69 3.21
N ILE A 105 -4.61 -15.47 3.73
CA ILE A 105 -3.80 -14.99 4.82
C ILE A 105 -2.88 -13.85 4.37
N LEU A 106 -2.41 -13.94 3.14
CA LEU A 106 -1.55 -12.92 2.55
C LEU A 106 -2.35 -11.64 2.34
N LEU A 107 -3.52 -11.78 1.75
CA LEU A 107 -4.36 -10.63 1.48
C LEU A 107 -4.70 -9.87 2.76
N LYS A 108 -5.17 -10.59 3.77
CA LYS A 108 -5.55 -9.93 5.03
C LYS A 108 -4.35 -9.30 5.71
N GLY A 109 -3.17 -9.85 5.45
CA GLY A 109 -1.96 -9.30 6.04
C GLY A 109 -1.48 -7.99 5.43
N CYS A 110 -1.66 -7.83 4.12
CA CYS A 110 -1.07 -6.68 3.44
C CYS A 110 -2.12 -5.67 3.08
N CYS A 111 -3.38 -5.98 3.32
CA CYS A 111 -4.44 -5.14 2.77
C CYS A 111 -4.26 -3.67 3.19
N MET A 112 -4.06 -3.44 4.49
CA MET A 112 -3.94 -2.06 5.00
C MET A 112 -2.56 -1.44 4.71
N GLU A 113 -1.56 -2.29 4.53
CA GLU A 113 -0.24 -1.79 4.21
C GLU A 113 -0.27 -1.22 2.80
N ILE A 114 -0.93 -1.94 1.89
CA ILE A 114 -1.08 -1.50 0.52
C ILE A 114 -2.04 -0.31 0.34
N MET A 115 -3.14 -0.31 1.10
CA MET A 115 -4.12 0.77 0.99
C MET A 115 -3.54 2.06 1.52
N SER A 116 -2.73 1.95 2.57
CA SER A 116 -2.18 3.15 3.19
C SER A 116 -1.00 3.69 2.35
N LEU A 117 -0.28 2.79 1.68
CA LEU A 117 0.70 3.23 0.67
C LEU A 117 0.01 4.00 -0.45
N ARG A 118 -1.10 3.44 -0.95
CA ARG A 118 -1.82 4.03 -2.07
C ARG A 118 -2.34 5.44 -1.75
N ALA A 119 -2.79 5.63 -0.52
CA ALA A 119 -3.23 6.95 -0.06
C ALA A 119 -2.04 7.88 0.18
N ALA A 120 -0.98 7.35 0.78
CA ALA A 120 0.24 8.12 1.02
C ALA A 120 0.88 8.66 -0.26
N VAL A 121 0.84 7.90 -1.35
CA VAL A 121 1.45 8.39 -2.59
C VAL A 121 0.57 9.42 -3.29
N ARG A 122 -0.64 9.60 -2.78
CA ARG A 122 -1.55 10.61 -3.29
CA ARG A 122 -1.54 10.61 -3.29
C ARG A 122 -1.59 11.78 -2.32
N TYR A 123 -0.50 11.96 -1.58
CA TYR A 123 -0.42 13.08 -0.66
C TYR A 123 -0.10 14.36 -1.42
N ASP A 124 -0.76 15.45 -1.03
CA ASP A 124 -0.57 16.73 -1.69
C ASP A 124 -0.18 17.87 -0.73
N PRO A 125 1.06 18.39 -0.88
CA PRO A 125 1.60 19.45 -0.01
C PRO A 125 0.77 20.72 -0.05
N GLU A 126 0.20 21.03 -1.23
CA GLU A 126 -0.58 22.25 -1.42
C GLU A 126 -1.74 22.33 -0.46
N SER A 127 -2.59 21.31 -0.50
CA SER A 127 -3.79 21.25 0.33
C SER A 127 -3.56 20.47 1.61
N GLU A 128 -2.43 19.77 1.70
CA GLU A 128 -2.16 18.92 2.86
C GLU A 128 -3.22 17.85 3.05
N THR A 129 -3.56 17.19 1.94
CA THR A 129 -4.61 16.17 1.91
C THR A 129 -4.08 14.90 1.27
N LEU A 130 -4.57 13.76 1.76
CA LEU A 130 -4.42 12.50 1.03
C LEU A 130 -5.69 12.37 0.23
N THR A 131 -5.64 11.59 -0.84
CA THR A 131 -6.82 11.33 -1.64
C THR A 131 -7.12 9.84 -1.61
N LEU A 132 -8.31 9.49 -1.12
CA LEU A 132 -8.70 8.08 -0.94
C LEU A 132 -9.52 7.56 -2.12
N ASN A 133 -9.26 6.32 -2.52
CA ASN A 133 -10.02 5.66 -3.57
C ASN A 133 -10.00 6.48 -4.86
N GLY A 134 -9.04 7.41 -4.95
CA GLY A 134 -8.87 8.23 -6.12
C GLY A 134 -9.76 9.45 -6.24
N GLU A 135 -10.67 9.63 -5.28
CA GLU A 135 -11.70 10.67 -5.38
C GLU A 135 -11.88 11.57 -4.15
N MET A 136 -11.70 11.03 -2.95
CA MET A 136 -11.98 11.76 -1.72
C MET A 136 -10.73 12.31 -1.03
N ALA A 137 -10.54 13.63 -1.09
CA ALA A 137 -9.40 14.28 -0.44
C ALA A 137 -9.71 14.66 1.01
N VAL A 138 -8.95 14.09 1.95
CA VAL A 138 -9.15 14.37 3.37
C VAL A 138 -7.91 15.00 3.97
N THR A 139 -8.08 15.68 5.10
CA THR A 139 -6.95 16.22 5.83
C THR A 139 -6.55 15.25 6.92
N ARG A 140 -5.48 15.59 7.63
CA ARG A 140 -4.98 14.78 8.73
C ARG A 140 -6.02 14.63 9.83
N GLY A 141 -6.60 15.75 10.26
CA GLY A 141 -7.63 15.77 11.30
C GLY A 141 -8.85 14.94 10.92
N GLN A 142 -9.30 15.11 9.67
CA GLN A 142 -10.49 14.39 9.22
C GLN A 142 -10.31 12.88 9.21
N LEU A 143 -9.12 12.42 8.84
CA LEU A 143 -8.86 10.99 8.75
C LEU A 143 -8.62 10.43 10.15
N LYS A 144 -7.93 11.19 10.98
CA LYS A 144 -7.70 10.83 12.37
C LYS A 144 -9.03 10.60 13.07
N ASN A 145 -9.94 11.57 12.94
CA ASN A 145 -11.20 11.62 13.69
C ASN A 145 -12.29 10.73 13.14
N GLY A 146 -12.13 10.31 11.89
CA GLY A 146 -13.04 9.35 11.26
C GLY A 146 -12.69 7.93 11.66
N GLY A 147 -11.74 7.81 12.58
CA GLY A 147 -11.51 6.55 13.25
C GLY A 147 -10.08 6.01 13.24
N LEU A 148 -9.14 6.71 12.62
CA LEU A 148 -7.80 6.16 12.45
C LEU A 148 -6.83 6.59 13.53
N GLY A 149 -7.19 7.63 14.28
CA GLY A 149 -6.31 8.15 15.30
C GLY A 149 -4.90 8.30 14.78
N VAL A 150 -3.92 7.96 15.61
CA VAL A 150 -2.53 8.18 15.28
C VAL A 150 -2.11 7.47 13.98
N VAL A 151 -2.89 6.48 13.54
CA VAL A 151 -2.62 5.83 12.25
C VAL A 151 -2.71 6.87 11.13
N SER A 152 -3.61 7.83 11.27
CA SER A 152 -3.68 8.92 10.31
C SER A 152 -2.38 9.71 10.29
N ASP A 153 -1.82 9.99 11.46
CA ASP A 153 -0.58 10.73 11.52
C ASP A 153 0.52 9.97 10.83
N ALA A 154 0.51 8.64 11.02
CA ALA A 154 1.54 7.79 10.45
C ALA A 154 1.49 7.87 8.93
N ILE A 155 0.28 7.81 8.37
CA ILE A 155 0.14 7.79 6.93
C ILE A 155 0.43 9.16 6.34
N PHE A 156 0.03 10.22 7.02
CA PHE A 156 0.38 11.56 6.53
C PHE A 156 1.88 11.79 6.58
N ASP A 157 2.51 11.45 7.71
CA ASP A 157 3.96 11.61 7.79
C ASP A 157 4.63 10.79 6.68
N LEU A 158 4.13 9.59 6.42
CA LEU A 158 4.71 8.78 5.36
C LEU A 158 4.63 9.50 4.02
N GLY A 159 3.43 9.96 3.67
CA GLY A 159 3.18 10.62 2.40
C GLY A 159 4.07 11.84 2.21
N MET A 160 4.21 12.64 3.28
CA MET A 160 5.07 13.83 3.24
C MET A 160 6.47 13.39 2.86
N SER A 161 6.89 12.32 3.50
CA SER A 161 8.22 11.76 3.35
C SER A 161 8.49 11.12 1.96
N LEU A 162 7.45 10.61 1.31
CA LEU A 162 7.59 9.91 0.04
C LEU A 162 7.62 10.85 -1.15
N SER A 163 7.26 12.11 -0.88
CA SER A 163 7.31 13.16 -1.88
C SER A 163 8.64 13.19 -2.60
N SER A 164 9.71 13.16 -1.83
CA SER A 164 11.04 13.34 -2.39
C SER A 164 11.65 12.04 -2.90
N PHE A 165 10.93 10.93 -2.72
CA PHE A 165 11.35 9.67 -3.33
C PHE A 165 10.93 9.63 -4.79
N ASN A 166 10.05 10.56 -5.17
CA ASN A 166 9.53 10.63 -6.55
C ASN A 166 9.21 9.27 -7.16
N LEU A 167 8.39 8.47 -6.48
CA LEU A 167 8.11 7.12 -6.96
C LEU A 167 7.30 7.10 -8.25
N ASP A 168 7.46 6.07 -9.05
CA ASP A 168 6.61 5.93 -10.23
C ASP A 168 5.67 4.74 -10.06
N ASP A 169 4.75 4.56 -11.00
CA ASP A 169 3.82 3.45 -10.91
C ASP A 169 4.54 2.13 -10.72
N THR A 170 5.74 2.00 -11.28
CA THR A 170 6.44 0.73 -11.18
C THR A 170 6.94 0.50 -9.78
N GLU A 171 7.53 1.53 -9.19
CA GLU A 171 8.09 1.39 -7.86
C GLU A 171 7.00 1.22 -6.81
N VAL A 172 5.85 1.83 -7.05
CA VAL A 172 4.72 1.60 -6.14
C VAL A 172 4.19 0.17 -6.28
N ALA A 173 4.12 -0.34 -7.50
CA ALA A 173 3.65 -1.71 -7.73
C ALA A 173 4.59 -2.74 -7.12
N LEU A 174 5.89 -2.53 -7.26
CA LEU A 174 6.86 -3.48 -6.72
C LEU A 174 6.81 -3.51 -5.19
N LEU A 175 6.69 -2.33 -4.60
CA LEU A 175 6.50 -2.15 -3.17
C LEU A 175 5.29 -2.94 -2.71
N GLN A 176 4.20 -2.84 -3.45
CA GLN A 176 2.98 -3.56 -3.12
C GLN A 176 3.21 -5.06 -3.15
N ALA A 177 3.88 -5.54 -4.20
CA ALA A 177 4.08 -6.99 -4.32
C ALA A 177 5.03 -7.50 -3.23
N VAL A 178 5.99 -6.68 -2.82
CA VAL A 178 6.87 -7.04 -1.73
C VAL A 178 6.13 -7.18 -0.41
N LEU A 179 5.19 -6.26 -0.16
CA LEU A 179 4.30 -6.31 1.01
C LEU A 179 3.41 -7.55 1.02
N LEU A 180 2.73 -7.77 -0.11
CA LEU A 180 1.91 -8.97 -0.34
C LEU A 180 2.61 -10.28 -0.03
N MET A 181 3.80 -10.45 -0.58
CA MET A 181 4.57 -11.69 -0.35
C MET A 181 5.35 -11.69 0.95
N SER A 182 4.66 -11.45 2.06
CA SER A 182 5.32 -11.58 3.36
C SER A 182 5.22 -12.98 3.92
N SER A 183 6.33 -13.72 3.87
CA SER A 183 6.32 -15.12 4.27
C SER A 183 6.17 -15.35 5.77
N ASP A 184 5.99 -14.27 6.52
CA ASP A 184 5.90 -14.39 7.96
C ASP A 184 4.52 -14.13 8.55
N ARG A 185 3.49 -14.05 7.71
CA ARG A 185 2.14 -13.93 8.25
C ARG A 185 1.86 -15.26 8.92
N PRO A 186 1.24 -15.20 10.10
CA PRO A 186 0.82 -16.40 10.81
C PRO A 186 -0.08 -17.30 9.97
N GLY A 187 0.17 -18.60 10.06
CA GLY A 187 -0.71 -19.57 9.45
C GLY A 187 -0.25 -20.06 8.11
N LEU A 188 0.70 -19.37 7.50
CA LEU A 188 1.11 -19.69 6.14
C LEU A 188 1.65 -21.09 5.99
N ALA A 189 1.20 -21.77 4.95
CA ALA A 189 1.71 -23.09 4.62
C ALA A 189 3.02 -22.99 3.84
N CAS A 190 2.98 -22.24 2.74
CA CAS A 190 4.11 -22.10 1.81
CB CAS A 190 3.35 -21.76 0.52
C CAS A 190 5.16 -21.01 2.15
O CAS A 190 5.54 -20.26 1.32
SG CAS A 190 2.31 -23.18 0.05
AS CAS A 190 3.55 -24.26 -1.46
CE1 CAS A 190 3.99 -26.04 -0.75
CE2 CAS A 190 2.72 -24.26 -3.24
N VAL A 191 5.63 -21.01 3.39
CA VAL A 191 6.59 -20.03 3.82
C VAL A 191 7.79 -19.92 2.87
N GLU A 192 8.34 -21.06 2.46
CA GLU A 192 9.51 -21.01 1.62
C GLU A 192 9.20 -20.43 0.24
N ARG A 193 8.13 -20.89 -0.37
CA ARG A 193 7.79 -20.47 -1.72
C ARG A 193 7.44 -18.98 -1.74
N ILE A 194 6.88 -18.50 -0.65
CA ILE A 194 6.50 -17.11 -0.57
C ILE A 194 7.75 -16.25 -0.33
N GLU A 195 8.71 -16.77 0.41
CA GLU A 195 10.00 -16.10 0.53
C GLU A 195 10.70 -15.98 -0.82
N LYS A 196 10.62 -17.03 -1.63
CA LYS A 196 11.29 -16.99 -2.92
C LYS A 196 10.67 -15.94 -3.85
N TYR A 197 9.34 -15.84 -3.85
CA TYR A 197 8.67 -14.85 -4.70
C TYR A 197 9.08 -13.43 -4.30
N GLN A 198 9.07 -13.18 -3.00
CA GLN A 198 9.42 -11.88 -2.49
C GLN A 198 10.82 -11.52 -2.92
N ASP A 199 11.77 -12.43 -2.68
CA ASP A 199 13.16 -12.21 -3.08
C ASP A 199 13.22 -11.86 -4.56
N SER A 200 12.46 -12.58 -5.35
CA SER A 200 12.49 -12.29 -6.76
C SER A 200 11.93 -10.89 -7.04
N PHE A 201 10.98 -10.44 -6.23
CA PHE A 201 10.43 -9.09 -6.37
C PHE A 201 11.40 -8.01 -5.89
N LEU A 202 12.13 -8.32 -4.82
CA LEU A 202 13.07 -7.38 -4.24
C LEU A 202 14.23 -7.14 -5.17
N LEU A 203 14.62 -8.20 -5.87
CA LEU A 203 15.74 -8.17 -6.78
C LEU A 203 15.38 -7.40 -8.05
N ALA A 204 14.20 -7.67 -8.61
CA ALA A 204 13.74 -6.87 -9.73
C ALA A 204 13.66 -5.43 -9.28
N PHE A 205 13.06 -5.23 -8.12
CA PHE A 205 12.84 -3.90 -7.59
C PHE A 205 14.15 -3.12 -7.52
N GLU A 206 15.13 -3.67 -6.82
CA GLU A 206 16.47 -3.07 -6.72
C GLU A 206 17.11 -2.80 -8.08
N HIS A 207 17.02 -3.75 -8.99
CA HIS A 207 17.58 -3.51 -10.29
C HIS A 207 16.87 -2.33 -10.92
N TYR A 208 15.56 -2.30 -10.78
CA TYR A 208 14.78 -1.25 -11.40
C TYR A 208 15.21 0.11 -10.87
N ILE A 209 15.45 0.16 -9.59
CA ILE A 209 15.95 1.37 -8.94
C ILE A 209 17.33 1.81 -9.44
N ASN A 210 18.22 0.85 -9.72
CA ASN A 210 19.53 1.17 -10.31
C ASN A 210 19.33 1.80 -11.67
N TYR A 211 18.46 1.18 -12.46
CA TYR A 211 18.11 1.73 -13.76
C TYR A 211 17.56 3.15 -13.65
N ARG A 212 16.83 3.45 -12.58
CA ARG A 212 16.10 4.72 -12.45
C ARG A 212 16.99 5.89 -12.04
N LYS A 213 18.13 5.57 -11.46
CA LYS A 213 19.11 6.57 -11.12
C LYS A 213 18.44 7.77 -10.45
N HIS A 214 17.81 7.50 -9.32
CA HIS A 214 17.33 8.57 -8.45
C HIS A 214 18.56 9.25 -7.88
N HIS A 215 18.48 10.56 -7.75
CA HIS A 215 19.61 11.29 -7.19
C HIS A 215 19.32 11.60 -5.73
N VAL A 216 19.07 10.51 -5.01
CA VAL A 216 19.03 10.47 -3.56
C VAL A 216 20.06 9.43 -3.13
N THR A 217 20.81 9.75 -2.10
CA THR A 217 21.84 8.85 -1.61
C THR A 217 21.20 7.73 -0.78
N HIS A 218 21.70 6.52 -0.94
CA HIS A 218 21.15 5.36 -0.23
C HIS A 218 19.66 5.15 -0.48
N PHE A 219 19.24 5.29 -1.72
CA PHE A 219 17.83 5.21 -2.05
C PHE A 219 17.22 3.88 -1.64
N TRP A 220 17.85 2.79 -2.06
CA TRP A 220 17.31 1.46 -1.80
C TRP A 220 17.11 1.17 -0.29
N PRO A 221 18.15 1.35 0.53
CA PRO A 221 17.93 1.13 1.97
C PRO A 221 16.87 2.06 2.53
N LYS A 222 16.85 3.31 2.09
CA LYS A 222 15.89 4.26 2.60
C LYS A 222 14.51 3.73 2.28
N LEU A 223 14.35 3.33 1.04
CA LEU A 223 13.09 2.78 0.58
C LEU A 223 12.64 1.57 1.41
N LEU A 224 13.55 0.64 1.71
CA LEU A 224 13.20 -0.53 2.54
C LEU A 224 12.70 -0.16 3.93
N MET A 225 13.25 0.90 4.51
CA MET A 225 12.72 1.38 5.78
C MET A 225 11.24 1.76 5.66
N LYS A 226 10.81 2.14 4.46
CA LYS A 226 9.40 2.48 4.31
C LYS A 226 8.55 1.23 4.43
N VAL A 227 9.05 0.11 3.94
CA VAL A 227 8.32 -1.15 4.08
C VAL A 227 8.00 -1.41 5.57
N THR A 228 9.00 -1.22 6.41
CA THR A 228 8.85 -1.41 7.85
C THR A 228 7.82 -0.47 8.45
N ASP A 229 7.81 0.79 8.00
CA ASP A 229 6.82 1.74 8.46
C ASP A 229 5.42 1.31 8.11
N LEU A 230 5.25 0.80 6.90
CA LEU A 230 3.94 0.36 6.41
C LEU A 230 3.48 -0.87 7.17
N ARG A 231 4.39 -1.76 7.50
CA ARG A 231 4.02 -2.87 8.34
C ARG A 231 3.53 -2.34 9.70
N MET A 232 4.15 -1.28 10.21
CA MET A 232 3.74 -0.69 11.49
C MET A 232 2.34 -0.10 11.39
N ILE A 233 2.12 0.63 10.31
CA ILE A 233 0.80 1.18 10.01
C ILE A 233 -0.28 0.06 9.99
N GLY A 234 0.00 -1.03 9.27
CA GLY A 234 -0.88 -2.18 9.30
C GLY A 234 -1.20 -2.64 10.72
N ALA A 235 -0.16 -2.90 11.52
CA ALA A 235 -0.31 -3.38 12.90
C ALA A 235 -1.10 -2.43 13.79
N CAS A 236 -0.75 -1.16 13.73
CA CAS A 236 -1.41 -0.13 14.51
CB CAS A 236 -0.44 1.06 14.35
C CAS A 236 -2.88 0.00 14.06
O CAS A 236 -3.73 0.32 14.81
SG CAS A 236 -0.65 2.38 15.57
AS CAS A 236 -1.58 1.67 17.50
CE1 CAS A 236 -3.43 2.34 17.53
CE2 CAS A 236 -0.63 2.61 18.94
N HIS A 237 -3.15 -0.26 12.79
CA HIS A 237 -4.53 -0.29 12.31
C HIS A 237 -5.34 -1.44 12.92
N ALA A 238 -4.77 -2.64 12.89
CA ALA A 238 -5.39 -3.77 13.55
C ALA A 238 -5.89 -3.35 14.94
N SER A 239 -5.05 -2.63 15.66
CA SER A 239 -5.37 -2.14 17.00
C SER A 239 -6.47 -1.07 16.95
N ARG A 240 -6.38 -0.14 16.00
CA ARG A 240 -7.43 0.86 15.86
C ARG A 240 -8.75 0.19 15.56
N PHE A 241 -8.68 -0.92 14.84
CA PHE A 241 -9.91 -1.65 14.48
C PHE A 241 -10.65 -2.15 15.71
N LEU A 242 -9.90 -2.68 16.68
CA LEU A 242 -10.52 -3.10 17.93
C LEU A 242 -11.22 -1.92 18.56
N HIS A 243 -10.50 -0.82 18.71
CA HIS A 243 -11.03 0.37 19.36
C HIS A 243 -12.32 0.86 18.68
N MET A 244 -12.47 0.55 17.41
CA MET A 244 -13.65 0.99 16.67
C MET A 244 -14.84 0.07 16.89
N LYS A 245 -14.60 -1.23 16.80
CA LYS A 245 -15.61 -2.25 17.07
C LYS A 245 -16.33 -1.98 18.39
N VAL A 246 -15.60 -1.40 19.33
CA VAL A 246 -16.11 -1.09 20.65
C VAL A 246 -16.91 0.21 20.65
N GLU A 247 -16.57 1.12 19.76
CA GLU A 247 -17.31 2.36 19.65
C GLU A 247 -18.37 2.25 18.56
N CYS A 248 -18.04 2.66 17.33
CA CYS A 248 -18.95 2.53 16.20
C CYS A 248 -19.63 1.16 16.25
N PRO A 249 -20.92 1.12 15.87
CA PRO A 249 -21.76 -0.07 15.92
C PRO A 249 -21.50 -1.00 14.74
N THR A 250 -21.26 -2.28 14.99
CA THR A 250 -20.92 -3.25 13.93
C THR A 250 -21.73 -3.05 12.65
N GLU A 251 -22.95 -2.54 12.80
CA GLU A 251 -23.80 -2.22 11.66
C GLU A 251 -23.07 -1.32 10.66
N LEU A 252 -22.33 -0.34 11.19
CA LEU A 252 -21.70 0.67 10.35
C LEU A 252 -20.54 0.12 9.53
N PHE A 253 -20.06 -1.06 9.89
CA PHE A 253 -18.94 -1.67 9.20
C PHE A 253 -19.42 -2.52 8.04
N PRO A 254 -18.94 -2.23 6.82
CA PRO A 254 -19.25 -3.06 5.66
C PRO A 254 -18.72 -4.50 5.81
N PRO A 255 -19.49 -5.47 5.32
CA PRO A 255 -19.17 -6.91 5.35
C PRO A 255 -17.74 -7.24 4.95
N LEU A 256 -17.23 -6.63 3.88
CA LEU A 256 -15.89 -6.96 3.42
C LEU A 256 -14.85 -6.37 4.35
N PHE A 257 -15.14 -5.17 4.83
CA PHE A 257 -14.29 -4.53 5.82
C PHE A 257 -14.12 -5.47 7.00
N LEU A 258 -15.23 -6.00 7.49
CA LEU A 258 -15.20 -6.96 8.60
C LEU A 258 -14.43 -8.24 8.28
N GLU A 259 -14.70 -8.83 7.10
CA GLU A 259 -14.00 -10.04 6.70
C GLU A 259 -12.50 -9.84 6.79
N VAL A 260 -12.00 -8.76 6.20
CA VAL A 260 -10.55 -8.58 6.09
C VAL A 260 -9.85 -8.39 7.43
N PHE A 261 -10.51 -7.72 8.38
CA PHE A 261 -9.80 -7.29 9.58
C PHE A 261 -10.18 -8.02 10.88
N GLU A 262 -11.21 -8.85 10.83
CA GLU A 262 -11.65 -9.54 12.04
C GLU A 262 -11.18 -10.99 12.07
C1 4HY B . -7.56 3.53 1.10
C2 4HY B . -9.21 4.29 5.70
C3 4HY B . -8.93 3.63 1.35
C4 4HY B . -10.14 4.63 6.67
C5 4HY B . -9.39 4.18 2.55
C6 4HY B . -10.43 3.74 7.69
C7 4HY B . -8.49 4.63 3.52
C8 4HY B . -9.82 2.50 7.75
C9 4HY B . -7.12 4.51 3.28
C10 4HY B . -8.89 2.15 6.78
C11 4HY B . -6.67 3.97 2.07
C12 4HY B . -8.59 3.04 5.76
C13 4HY B . -7.00 2.90 -0.19
C14 4HY B . -7.20 3.68 -1.49
I1 4HY B . -11.48 4.32 2.86
I2 4HY B . -11.83 4.31 9.16
I3 4HY B . -5.75 5.20 4.70
O3 4HY B . -7.06 4.91 -1.48
O2 4HY B . -8.92 5.17 4.69
O1 4HY B . -10.11 1.62 8.74
O4 4HY B . -7.42 2.96 -2.51
#